data_8AAO
#
_entry.id   8AAO
#
_cell.length_a   102.206
_cell.length_b   48.257
_cell.length_c   74.942
_cell.angle_alpha   90.000
_cell.angle_beta   120.550
_cell.angle_gamma   90.000
#
_symmetry.space_group_name_H-M   'C 1 2 1'
#
loop_
_entity.id
_entity.type
_entity.pdbx_description
1 polymer Syntenin-1
2 non-polymer '(2~{S})-2-[[(2~{S})-3-[4-(5-ethanoyl-2-fluoranyl-phenyl)phenyl]-2-(3-oxidanylidene-1~{H}-isoindol-2-yl)propanoyl]amino]propanoic acid'
3 water water
#
_entity_poly.entity_id   1
_entity_poly.type   'polypeptide(L)'
_entity_poly.pdbx_seq_one_letter_code
;GAMDPREVILCKDQDGKIGLRLKSIDNGIFVQLVQANSPASLVGLRFGDQVLQINGENCAGWSSDKAHKVLKQAFGEKIT
MTIRDRPFERTITMHKDSTGHVGFIFKNGKITSIVKDSSAARNGLLTEHNICEINGQNVIGLKDSQIADILSTSGTVVTI
TIMPAF
;
_entity_poly.pdbx_strand_id   A,B
#
# COMPACT_ATOMS: atom_id res chain seq x y z
N ASP A 4 4.32 -4.06 -13.86
CA ASP A 4 5.45 -4.98 -13.80
C ASP A 4 4.97 -6.45 -13.54
N PRO A 5 4.10 -7.03 -14.39
CA PRO A 5 3.62 -8.40 -14.12
C PRO A 5 4.41 -9.49 -14.83
N ARG A 6 4.73 -10.59 -14.13
CA ARG A 6 5.51 -11.67 -14.73
C ARG A 6 4.82 -13.00 -14.69
N GLU A 7 5.07 -13.83 -15.70
CA GLU A 7 4.46 -15.15 -15.79
C GLU A 7 5.33 -16.22 -15.14
N VAL A 8 4.80 -16.91 -14.11
CA VAL A 8 5.51 -18.00 -13.46
C VAL A 8 4.92 -19.34 -13.85
N ILE A 9 5.77 -20.35 -13.96
CA ILE A 9 5.32 -21.70 -14.28
C ILE A 9 5.71 -22.62 -13.14
N LEU A 10 4.71 -22.98 -12.31
CA LEU A 10 4.91 -23.87 -11.16
C LEU A 10 4.76 -25.30 -11.59
N CYS A 11 5.54 -26.18 -10.98
CA CYS A 11 5.48 -27.60 -11.26
C CYS A 11 5.06 -28.38 -10.01
N LYS A 12 3.78 -28.86 -9.94
CA LYS A 12 3.21 -29.65 -8.84
C LYS A 12 4.10 -30.78 -8.33
N ASP A 13 4.23 -30.90 -7.00
CA ASP A 13 5.03 -31.97 -6.36
C ASP A 13 4.36 -33.36 -6.48
N GLN A 14 4.96 -34.42 -5.92
CA GLN A 14 4.39 -35.78 -5.96
C GLN A 14 2.97 -35.84 -5.35
N ASP A 15 2.63 -34.92 -4.46
CA ASP A 15 1.32 -34.85 -3.83
C ASP A 15 0.29 -34.01 -4.61
N GLY A 16 0.72 -33.37 -5.70
CA GLY A 16 -0.17 -32.48 -6.44
C GLY A 16 -0.36 -31.14 -5.75
N LYS A 17 0.49 -30.83 -4.76
CA LYS A 17 0.44 -29.58 -4.03
C LYS A 17 1.54 -28.63 -4.52
N ILE A 18 1.33 -27.33 -4.36
CA ILE A 18 2.35 -26.36 -4.72
C ILE A 18 2.90 -25.60 -3.50
N GLY A 19 2.32 -25.77 -2.31
CA GLY A 19 2.76 -25.08 -1.09
C GLY A 19 2.26 -23.64 -1.04
N LEU A 20 1.13 -23.37 -1.67
CA LEU A 20 0.59 -22.02 -1.75
C LEU A 20 -0.75 -21.89 -1.09
N ARG A 21 -0.88 -20.89 -0.22
CA ARG A 21 -2.17 -20.57 0.34
C ARG A 21 -2.54 -19.19 -0.16
N LEU A 22 -3.77 -19.05 -0.68
CA LEU A 22 -4.26 -17.78 -1.24
C LEU A 22 -5.36 -17.11 -0.39
N LYS A 23 -5.55 -15.79 -0.57
CA LYS A 23 -6.55 -15.02 0.14
C LYS A 23 -7.13 -13.86 -0.69
N SER A 24 -8.45 -13.78 -0.79
CA SER A 24 -9.12 -12.68 -1.48
C SER A 24 -9.06 -11.35 -0.67
N ILE A 25 -8.39 -10.32 -1.20
CA ILE A 25 -8.33 -9.00 -0.57
C ILE A 25 -8.76 -8.00 -1.66
N ASP A 26 -9.71 -7.12 -1.36
CA ASP A 26 -10.18 -6.09 -2.28
C ASP A 26 -10.46 -6.57 -3.71
N ASN A 27 -11.21 -7.68 -3.84
CA ASN A 27 -11.57 -8.34 -5.12
C ASN A 27 -10.33 -8.80 -5.96
N GLY A 28 -9.20 -9.01 -5.30
CA GLY A 28 -7.98 -9.53 -5.90
C GLY A 28 -7.45 -10.73 -5.12
N ILE A 29 -6.64 -11.60 -5.75
CA ILE A 29 -6.12 -12.78 -5.06
C ILE A 29 -4.66 -12.60 -4.62
N PHE A 30 -4.37 -12.87 -3.34
CA PHE A 30 -3.02 -12.65 -2.84
C PHE A 30 -2.37 -13.89 -2.21
N VAL A 31 -1.05 -14.00 -2.29
CA VAL A 31 -0.36 -15.11 -1.65
C VAL A 31 -0.25 -14.80 -0.14
N GLN A 32 -0.73 -15.73 0.71
CA GLN A 32 -0.88 -15.61 2.15
C GLN A 32 0.09 -16.52 2.96
N LEU A 33 0.81 -17.42 2.29
CA LEU A 33 1.72 -18.34 2.96
C LEU A 33 2.35 -19.20 1.90
N VAL A 34 3.67 -19.25 1.91
CA VAL A 34 4.40 -20.06 0.96
C VAL A 34 5.14 -21.08 1.78
N GLN A 35 4.88 -22.38 1.57
CA GLN A 35 5.58 -23.42 2.32
C GLN A 35 7.06 -23.45 2.01
N ALA A 36 7.88 -23.86 3.00
CA ALA A 36 9.32 -23.99 2.75
C ALA A 36 9.58 -25.08 1.71
N ASN A 37 10.59 -24.86 0.85
CA ASN A 37 11.10 -25.78 -0.18
C ASN A 37 10.02 -26.43 -1.02
N SER A 38 9.11 -25.62 -1.53
CA SER A 38 8.00 -26.09 -2.33
C SER A 38 8.12 -25.55 -3.78
N PRO A 39 7.28 -26.03 -4.73
CA PRO A 39 7.28 -25.42 -6.07
C PRO A 39 6.92 -23.91 -6.01
N ALA A 40 6.16 -23.46 -4.99
CA ALA A 40 5.82 -22.05 -4.86
C ALA A 40 7.02 -21.25 -4.43
N SER A 41 7.84 -21.77 -3.48
CA SER A 41 9.02 -21.02 -3.07
C SER A 41 10.04 -21.03 -4.21
N LEU A 42 10.23 -22.20 -4.85
CA LEU A 42 11.12 -22.41 -5.98
C LEU A 42 11.02 -21.32 -7.05
N VAL A 43 9.80 -20.90 -7.43
CA VAL A 43 9.63 -19.86 -8.45
C VAL A 43 9.60 -18.43 -7.88
N GLY A 44 9.91 -18.25 -6.61
CA GLY A 44 9.97 -16.94 -5.99
C GLY A 44 8.68 -16.33 -5.48
N LEU A 45 7.62 -17.14 -5.30
CA LEU A 45 6.39 -16.62 -4.74
C LEU A 45 6.60 -16.26 -3.28
N ARG A 46 5.97 -15.18 -2.88
CA ARG A 46 6.16 -14.63 -1.55
C ARG A 46 4.83 -14.11 -1.02
N PHE A 47 4.73 -13.95 0.30
CA PHE A 47 3.54 -13.40 0.93
C PHE A 47 3.35 -11.97 0.42
N GLY A 48 2.14 -11.65 -0.02
CA GLY A 48 1.84 -10.33 -0.54
C GLY A 48 1.77 -10.25 -2.05
N ASP A 49 2.38 -11.21 -2.76
CA ASP A 49 2.34 -11.23 -4.23
C ASP A 49 0.87 -11.31 -4.75
N GLN A 50 0.50 -10.48 -5.72
CA GLN A 50 -0.85 -10.52 -6.27
C GLN A 50 -0.89 -11.55 -7.41
N VAL A 51 -1.92 -12.39 -7.45
CA VAL A 51 -2.06 -13.35 -8.54
C VAL A 51 -3.12 -12.80 -9.48
N LEU A 52 -2.70 -12.30 -10.64
CA LEU A 52 -3.63 -11.75 -11.62
C LEU A 52 -4.39 -12.87 -12.35
N GLN A 53 -3.68 -13.86 -12.93
CA GLN A 53 -4.30 -14.98 -13.65
C GLN A 53 -3.81 -16.33 -13.16
N ILE A 54 -4.65 -17.35 -13.28
CA ILE A 54 -4.32 -18.74 -13.01
C ILE A 54 -4.79 -19.55 -14.22
N ASN A 55 -3.85 -20.16 -14.95
CA ASN A 55 -4.08 -20.94 -16.16
C ASN A 55 -4.84 -20.13 -17.21
N GLY A 56 -4.38 -18.89 -17.44
CA GLY A 56 -5.00 -17.99 -18.40
C GLY A 56 -6.40 -17.52 -18.01
N GLU A 57 -6.74 -17.61 -16.71
CA GLU A 57 -8.04 -17.22 -16.20
C GLU A 57 -7.92 -16.18 -15.10
N ASN A 58 -8.52 -15.00 -15.34
CA ASN A 58 -8.57 -13.84 -14.44
C ASN A 58 -9.05 -14.22 -13.04
N CYS A 59 -8.37 -13.73 -12.00
CA CYS A 59 -8.75 -13.99 -10.60
C CYS A 59 -9.67 -12.90 -10.02
N ALA A 60 -9.95 -11.81 -10.76
CA ALA A 60 -10.79 -10.73 -10.22
C ALA A 60 -12.16 -11.21 -9.71
N GLY A 61 -12.48 -10.81 -8.49
CA GLY A 61 -13.75 -11.19 -7.87
C GLY A 61 -13.72 -12.51 -7.13
N TRP A 62 -12.87 -13.45 -7.56
CA TRP A 62 -12.78 -14.77 -6.95
C TRP A 62 -12.56 -14.74 -5.46
N SER A 63 -13.15 -15.71 -4.78
CA SER A 63 -12.97 -15.94 -3.35
C SER A 63 -11.77 -16.90 -3.21
N SER A 64 -11.16 -16.94 -2.01
CA SER A 64 -10.02 -17.84 -1.80
C SER A 64 -10.40 -19.31 -1.97
N ASP A 65 -11.65 -19.70 -1.63
CA ASP A 65 -12.07 -21.09 -1.86
C ASP A 65 -12.14 -21.35 -3.36
N LYS A 66 -12.64 -20.40 -4.15
CA LYS A 66 -12.71 -20.51 -5.60
C LYS A 66 -11.30 -20.66 -6.17
N ALA A 67 -10.34 -19.85 -5.69
CA ALA A 67 -8.95 -19.89 -6.12
C ALA A 67 -8.27 -21.23 -5.77
N HIS A 68 -8.53 -21.75 -4.57
CA HIS A 68 -7.97 -23.03 -4.16
C HIS A 68 -8.59 -24.16 -4.95
N LYS A 69 -9.92 -24.10 -5.15
CA LYS A 69 -10.71 -25.04 -5.91
C LYS A 69 -10.16 -25.14 -7.33
N VAL A 70 -9.86 -23.99 -7.94
CA VAL A 70 -9.29 -23.95 -9.29
C VAL A 70 -7.83 -24.48 -9.31
N LEU A 71 -7.03 -24.18 -8.28
CA LEU A 71 -5.65 -24.70 -8.22
C LEU A 71 -5.69 -26.24 -8.12
N LYS A 72 -6.56 -26.76 -7.23
CA LYS A 72 -6.81 -28.17 -6.97
C LYS A 72 -7.29 -28.87 -8.25
N GLN A 73 -8.27 -28.30 -8.93
CA GLN A 73 -8.76 -28.85 -10.19
C GLN A 73 -7.71 -28.65 -11.31
N ALA A 74 -7.85 -29.43 -12.39
CA ALA A 74 -6.89 -29.47 -13.50
C ALA A 74 -5.53 -29.94 -12.98
N PHE A 75 -5.43 -31.24 -12.63
CA PHE A 75 -4.18 -31.80 -12.13
C PHE A 75 -3.23 -32.13 -13.28
N GLY A 76 -2.70 -31.08 -13.85
CA GLY A 76 -1.60 -31.15 -14.78
C GLY A 76 -0.34 -30.90 -13.95
N GLU A 77 0.82 -31.33 -14.45
CA GLU A 77 2.07 -31.06 -13.73
C GLU A 77 2.35 -29.54 -13.68
N LYS A 78 1.90 -28.78 -14.70
CA LYS A 78 2.17 -27.34 -14.74
C LYS A 78 0.97 -26.43 -14.51
N ILE A 79 1.13 -25.49 -13.60
CA ILE A 79 0.16 -24.44 -13.32
C ILE A 79 0.83 -23.14 -13.73
N THR A 80 0.14 -22.32 -14.50
CA THR A 80 0.70 -21.07 -14.96
C THR A 80 0.00 -19.90 -14.31
N MET A 81 0.76 -19.08 -13.59
CA MET A 81 0.21 -17.91 -12.93
C MET A 81 0.81 -16.62 -13.45
N THR A 82 0.03 -15.54 -13.40
CA THR A 82 0.53 -14.21 -13.73
C THR A 82 0.62 -13.50 -12.37
N ILE A 83 1.80 -13.04 -12.02
CA ILE A 83 2.07 -12.46 -10.72
C ILE A 83 2.55 -11.03 -10.76
N ARG A 84 1.97 -10.21 -9.91
CA ARG A 84 2.45 -8.86 -9.71
C ARG A 84 3.16 -8.96 -8.36
N ASP A 85 4.45 -8.59 -8.30
CA ASP A 85 5.23 -8.72 -7.05
C ASP A 85 4.85 -7.72 -5.97
N ARG A 86 4.61 -8.23 -4.73
CA ARG A 86 4.19 -7.56 -3.48
C ARG A 86 3.70 -6.12 -3.66
N PRO A 87 2.51 -5.87 -4.22
CA PRO A 87 2.07 -4.47 -4.45
C PRO A 87 1.99 -3.57 -3.20
N PHE A 88 1.84 -4.17 -2.01
CA PHE A 88 1.71 -3.41 -0.77
C PHE A 88 2.98 -3.36 0.08
N GLU A 89 4.13 -3.81 -0.45
CA GLU A 89 5.43 -3.86 0.25
C GLU A 89 6.00 -2.49 0.61
N ARG A 90 6.36 -2.28 1.87
CA ARG A 90 6.95 -1.00 2.30
C ARG A 90 8.13 -1.30 3.19
N THR A 91 9.29 -0.67 2.95
CA THR A 91 10.48 -0.95 3.77
C THR A 91 10.84 0.21 4.69
N ILE A 92 10.90 -0.01 6.01
CA ILE A 92 11.26 1.05 6.95
C ILE A 92 12.54 0.71 7.77
N THR A 93 13.54 1.60 7.71
CA THR A 93 14.79 1.40 8.44
C THR A 93 14.79 2.16 9.75
N MET A 94 14.97 1.44 10.84
CA MET A 94 15.05 2.02 12.18
C MET A 94 16.39 1.66 12.82
N HIS A 95 16.79 2.41 13.85
CA HIS A 95 18.04 2.14 14.53
C HIS A 95 17.80 2.04 16.03
N LYS A 96 18.32 0.96 16.64
CA LYS A 96 18.16 0.67 18.05
C LYS A 96 18.74 1.76 18.91
N ASP A 97 18.05 2.10 19.99
CA ASP A 97 18.53 3.09 20.96
C ASP A 97 19.57 2.45 21.95
N SER A 98 19.97 3.18 23.00
CA SER A 98 20.92 2.72 24.01
C SER A 98 20.47 1.42 24.72
N THR A 99 19.14 1.18 24.78
CA THR A 99 18.54 0.01 25.42
C THR A 99 18.28 -1.18 24.47
N GLY A 100 18.48 -0.99 23.17
CA GLY A 100 18.26 -2.05 22.19
C GLY A 100 16.85 -2.07 21.63
N HIS A 101 16.17 -0.91 21.63
CA HIS A 101 14.79 -0.87 21.13
C HIS A 101 14.56 0.15 20.01
N VAL A 102 13.94 -0.31 18.90
CA VAL A 102 13.54 0.56 17.78
C VAL A 102 12.26 1.35 18.15
N GLY A 103 11.40 0.79 19.00
CA GLY A 103 10.25 1.50 19.52
C GLY A 103 8.85 1.10 19.11
N PHE A 104 8.59 -0.20 18.94
CA PHE A 104 7.22 -0.64 18.63
C PHE A 104 6.83 -1.89 19.42
N ILE A 105 5.53 -2.20 19.43
CA ILE A 105 4.97 -3.36 20.11
C ILE A 105 4.26 -4.19 19.05
N PHE A 106 4.46 -5.51 19.04
CA PHE A 106 3.76 -6.36 18.09
C PHE A 106 2.97 -7.48 18.79
N LYS A 107 1.92 -7.96 18.14
CA LYS A 107 1.07 -9.05 18.63
C LYS A 107 0.53 -9.77 17.41
N ASN A 108 0.94 -11.04 17.24
CA ASN A 108 0.64 -11.94 16.11
C ASN A 108 1.25 -11.41 14.79
N GLY A 109 2.53 -11.03 14.87
CA GLY A 109 3.30 -10.50 13.75
C GLY A 109 2.74 -9.22 13.20
N LYS A 110 2.11 -8.41 14.06
CA LYS A 110 1.46 -7.18 13.64
C LYS A 110 1.79 -6.06 14.59
N ILE A 111 2.23 -4.93 14.04
CA ILE A 111 2.55 -3.75 14.84
C ILE A 111 1.27 -3.22 15.48
N THR A 112 1.24 -3.08 16.81
CA THR A 112 0.05 -2.57 17.49
C THR A 112 0.27 -1.15 18.05
N SER A 113 1.49 -0.83 18.49
CA SER A 113 1.75 0.49 19.05
C SER A 113 3.12 1.03 18.72
N ILE A 114 3.28 2.37 18.79
CA ILE A 114 4.55 3.04 18.53
C ILE A 114 4.95 3.85 19.79
N VAL A 115 6.15 3.60 20.32
CA VAL A 115 6.62 4.28 21.50
C VAL A 115 6.91 5.74 21.14
N LYS A 116 6.42 6.68 21.95
CA LYS A 116 6.68 8.10 21.71
C LYS A 116 8.19 8.39 21.86
N ASP A 117 8.75 9.24 20.94
CA ASP A 117 10.16 9.69 20.87
C ASP A 117 11.12 8.54 20.60
N SER A 118 10.77 7.72 19.62
CA SER A 118 11.55 6.55 19.28
C SER A 118 11.95 6.53 17.81
N SER A 119 12.86 5.60 17.42
CA SER A 119 13.26 5.44 16.03
C SER A 119 12.09 5.02 15.15
N ALA A 120 11.17 4.20 15.68
CA ALA A 120 9.96 3.79 14.95
C ALA A 120 9.09 5.01 14.71
N ALA A 121 8.99 5.90 15.71
CA ALA A 121 8.18 7.11 15.56
C ALA A 121 8.84 8.05 14.54
N ARG A 122 10.16 8.29 14.65
CA ARG A 122 10.93 9.16 13.76
C ARG A 122 10.78 8.72 12.31
N ASN A 123 10.81 7.41 12.07
CA ASN A 123 10.70 6.89 10.69
C ASN A 123 9.28 6.58 10.23
N GLY A 124 8.28 7.10 10.94
CA GLY A 124 6.88 6.92 10.59
C GLY A 124 6.40 5.49 10.47
N LEU A 125 6.82 4.57 11.40
CA LEU A 125 6.29 3.18 11.32
C LEU A 125 4.78 3.17 11.61
N LEU A 126 3.99 2.42 10.83
CA LEU A 126 2.53 2.39 11.01
C LEU A 126 2.04 1.16 11.74
N THR A 127 1.00 1.34 12.53
CA THR A 127 0.35 0.24 13.24
C THR A 127 -0.63 -0.46 12.28
N GLU A 128 -1.19 -1.60 12.68
CA GLU A 128 -2.11 -2.37 11.83
C GLU A 128 -1.42 -2.83 10.52
N HIS A 129 -0.12 -3.12 10.64
CA HIS A 129 0.68 -3.60 9.54
C HIS A 129 1.34 -4.90 9.98
N ASN A 130 1.46 -5.83 9.05
CA ASN A 130 2.12 -7.10 9.29
C ASN A 130 3.58 -6.93 8.98
N ILE A 131 4.46 -7.46 9.84
CA ILE A 131 5.90 -7.47 9.58
C ILE A 131 6.12 -8.66 8.63
N CYS A 132 6.80 -8.46 7.51
CA CYS A 132 7.07 -9.50 6.52
C CYS A 132 8.50 -10.02 6.65
N GLU A 133 9.43 -9.11 6.87
CA GLU A 133 10.85 -9.40 6.95
C GLU A 133 11.55 -8.46 7.89
N ILE A 134 12.62 -8.95 8.53
CA ILE A 134 13.48 -8.19 9.42
C ILE A 134 14.86 -8.49 8.91
N ASN A 135 15.51 -7.50 8.28
CA ASN A 135 16.83 -7.64 7.70
C ASN A 135 16.94 -8.84 6.77
N GLY A 136 16.01 -8.98 5.84
CA GLY A 136 16.04 -10.07 4.87
C GLY A 136 15.50 -11.40 5.34
N GLN A 137 15.20 -11.53 6.64
CA GLN A 137 14.69 -12.78 7.18
C GLN A 137 13.16 -12.87 7.12
N ASN A 138 12.64 -13.96 6.56
CA ASN A 138 11.19 -14.15 6.51
C ASN A 138 10.67 -14.38 7.93
N VAL A 139 9.65 -13.60 8.33
CA VAL A 139 9.01 -13.78 9.63
C VAL A 139 7.56 -14.23 9.50
N ILE A 140 7.03 -14.34 8.26
CA ILE A 140 5.64 -14.78 8.05
C ILE A 140 5.52 -16.21 8.52
N GLY A 141 4.59 -16.43 9.45
CA GLY A 141 4.36 -17.76 10.00
C GLY A 141 4.99 -17.97 11.35
N LEU A 142 6.11 -17.29 11.62
CA LEU A 142 6.81 -17.41 12.90
C LEU A 142 5.97 -16.87 14.07
N LYS A 143 6.23 -17.39 15.27
CA LYS A 143 5.56 -16.95 16.50
C LYS A 143 6.22 -15.65 16.95
N ASP A 144 5.52 -14.87 17.78
CA ASP A 144 6.08 -13.62 18.31
C ASP A 144 7.42 -13.83 19.05
N SER A 145 7.54 -14.90 19.81
CA SER A 145 8.80 -15.20 20.52
C SER A 145 9.96 -15.35 19.54
N GLN A 146 9.74 -16.00 18.40
CA GLN A 146 10.78 -16.19 17.39
C GLN A 146 11.11 -14.89 16.67
N ILE A 147 10.12 -14.03 16.48
CA ILE A 147 10.31 -12.71 15.88
C ILE A 147 11.19 -11.87 16.81
N ALA A 148 10.88 -11.88 18.11
CA ALA A 148 11.64 -11.13 19.11
C ALA A 148 13.08 -11.61 19.21
N ASP A 149 13.33 -12.91 18.96
CA ASP A 149 14.67 -13.49 18.97
C ASP A 149 15.51 -12.90 17.83
N ILE A 150 14.90 -12.69 16.66
CA ILE A 150 15.57 -12.11 15.51
C ILE A 150 15.96 -10.67 15.84
N LEU A 151 15.04 -9.91 16.45
CA LEU A 151 15.26 -8.53 16.89
C LEU A 151 16.34 -8.42 17.96
N SER A 152 16.39 -9.40 18.88
CA SER A 152 17.40 -9.43 19.91
C SER A 152 18.77 -9.64 19.28
N THR A 153 18.87 -10.52 18.25
CA THR A 153 20.16 -10.86 17.63
C THR A 153 20.54 -9.99 16.41
N SER A 154 19.95 -8.83 16.36
CA SER A 154 20.13 -7.89 15.29
C SER A 154 21.15 -6.85 15.70
N GLY A 155 21.72 -6.22 14.70
CA GLY A 155 22.60 -5.07 14.87
C GLY A 155 21.76 -3.82 15.13
N THR A 156 22.41 -2.64 15.17
CA THR A 156 21.72 -1.39 15.47
C THR A 156 20.69 -1.09 14.42
N VAL A 157 21.01 -1.33 13.15
CA VAL A 157 20.09 -1.11 12.07
C VAL A 157 19.12 -2.25 11.96
N VAL A 158 17.83 -1.92 12.00
CA VAL A 158 16.75 -2.89 11.83
C VAL A 158 15.89 -2.41 10.67
N THR A 159 15.94 -3.13 9.54
CA THR A 159 15.16 -2.80 8.37
C THR A 159 13.96 -3.74 8.31
N ILE A 160 12.72 -3.21 8.31
CA ILE A 160 11.53 -4.06 8.30
C ILE A 160 10.61 -3.83 7.11
N THR A 161 10.25 -4.93 6.41
CA THR A 161 9.27 -4.91 5.31
C THR A 161 7.90 -5.09 5.95
N ILE A 162 6.95 -4.19 5.65
CA ILE A 162 5.62 -4.24 6.21
C ILE A 162 4.55 -4.13 5.13
N MET A 163 3.36 -4.64 5.40
CA MET A 163 2.22 -4.57 4.49
C MET A 163 1.00 -4.34 5.33
N PRO A 164 -0.05 -3.64 4.84
CA PRO A 164 -1.25 -3.46 5.68
C PRO A 164 -1.89 -4.78 6.07
N ALA A 165 -2.43 -4.87 7.30
CA ALA A 165 -3.04 -6.11 7.76
C ALA A 165 -4.29 -6.42 6.96
N PHE A 166 -5.11 -5.37 6.68
CA PHE A 166 -6.39 -5.43 5.94
C PHE A 166 -7.60 -5.82 6.81
N ASP B 4 12.21 7.45 0.14
CA ASP B 4 13.04 7.90 1.25
C ASP B 4 12.70 9.33 1.61
N PRO B 5 12.41 9.62 2.90
CA PRO B 5 11.95 10.97 3.29
C PRO B 5 12.65 12.16 2.69
N ARG B 6 11.87 13.22 2.48
CA ARG B 6 12.30 14.49 1.94
C ARG B 6 11.92 15.61 2.91
N GLU B 7 12.58 16.76 2.83
CA GLU B 7 12.25 17.88 3.69
C GLU B 7 11.70 18.97 2.82
N VAL B 8 10.45 19.32 3.05
CA VAL B 8 9.80 20.39 2.31
C VAL B 8 9.72 21.61 3.22
N ILE B 9 9.96 22.79 2.65
CA ILE B 9 9.84 24.03 3.40
C ILE B 9 8.71 24.83 2.78
N LEU B 10 7.69 25.10 3.57
CA LEU B 10 6.51 25.80 3.10
C LEU B 10 6.33 27.11 3.85
N CYS B 11 5.77 28.11 3.18
CA CYS B 11 5.53 29.40 3.78
C CYS B 11 4.04 29.70 3.75
N LYS B 12 3.49 30.15 4.89
CA LYS B 12 2.08 30.54 4.99
C LYS B 12 1.78 31.71 4.06
N ASP B 13 0.52 31.86 3.66
CA ASP B 13 0.09 32.95 2.79
C ASP B 13 -0.57 34.11 3.60
N GLN B 14 -1.17 35.13 2.90
CA GLN B 14 -1.85 36.33 3.40
C GLN B 14 -2.26 36.26 4.89
N ASP B 15 -3.24 35.41 5.25
CA ASP B 15 -3.63 35.23 6.64
C ASP B 15 -3.54 33.74 6.99
N GLY B 16 -2.33 33.31 7.32
CA GLY B 16 -2.07 31.91 7.66
C GLY B 16 -2.45 30.95 6.57
N LYS B 17 -2.89 29.75 6.95
CA LYS B 17 -3.35 28.71 6.03
C LYS B 17 -2.27 28.21 5.07
N ILE B 18 -1.89 26.95 5.24
CA ILE B 18 -1.00 26.29 4.30
C ILE B 18 -1.83 25.68 3.10
N GLY B 19 -3.12 25.41 3.35
CA GLY B 19 -4.04 24.84 2.37
C GLY B 19 -3.87 23.34 2.34
N LEU B 20 -3.81 22.76 3.54
CA LEU B 20 -3.52 21.38 3.83
C LEU B 20 -4.47 20.85 4.87
N ARG B 21 -5.02 19.67 4.63
CA ARG B 21 -5.86 19.01 5.61
C ARG B 21 -5.15 17.68 5.93
N LEU B 22 -4.76 17.45 7.19
CA LEU B 22 -4.07 16.21 7.57
C LEU B 22 -5.05 15.25 8.26
N LYS B 23 -4.74 13.93 8.23
CA LYS B 23 -5.63 12.93 8.83
C LYS B 23 -4.82 11.87 9.56
N SER B 24 -5.33 11.39 10.70
CA SER B 24 -4.67 10.33 11.44
C SER B 24 -5.05 9.00 10.83
N ILE B 25 -4.07 8.17 10.48
CA ILE B 25 -4.28 6.85 9.91
C ILE B 25 -3.16 5.96 10.39
N ASP B 26 -3.48 4.84 11.07
CA ASP B 26 -2.51 3.86 11.58
C ASP B 26 -1.35 4.48 12.38
N ASN B 27 -1.68 5.46 13.26
CA ASN B 27 -0.71 6.17 14.11
C ASN B 27 0.37 6.93 13.32
N GLY B 28 -0.03 7.37 12.15
CA GLY B 28 0.74 8.23 11.26
C GLY B 28 -0.09 9.44 10.90
N ILE B 29 0.48 10.34 10.14
CA ILE B 29 -0.24 11.52 9.66
C ILE B 29 -0.11 11.55 8.15
N PHE B 30 -1.24 11.71 7.45
CA PHE B 30 -1.25 11.70 5.99
C PHE B 30 -2.01 12.90 5.42
N VAL B 31 -1.59 13.38 4.23
CA VAL B 31 -2.21 14.48 3.55
C VAL B 31 -3.55 13.97 3.01
N GLN B 32 -4.68 14.61 3.37
N GLN B 32 -4.65 14.64 3.37
CA GLN B 32 -6.02 14.20 2.93
CA GLN B 32 -6.00 14.24 2.98
C GLN B 32 -6.61 15.17 1.89
C GLN B 32 -6.63 15.18 1.94
N LEU B 33 -6.17 16.44 1.89
CA LEU B 33 -6.65 17.41 0.92
C LEU B 33 -5.59 18.49 0.70
N VAL B 34 -5.41 18.92 -0.56
CA VAL B 34 -4.48 19.98 -0.95
C VAL B 34 -5.26 21.00 -1.73
N GLN B 35 -5.37 22.20 -1.17
CA GLN B 35 -6.12 23.29 -1.81
C GLN B 35 -5.46 23.72 -3.12
N ALA B 36 -6.27 24.12 -4.12
CA ALA B 36 -5.73 24.60 -5.39
C ALA B 36 -5.07 25.99 -5.15
N ASN B 37 -3.96 26.27 -5.87
CA ASN B 37 -3.19 27.53 -5.75
C ASN B 37 -2.80 27.79 -4.28
N SER B 38 -2.35 26.74 -3.62
CA SER B 38 -2.01 26.76 -2.21
C SER B 38 -0.51 26.60 -2.02
N PRO B 39 0.10 27.19 -0.97
CA PRO B 39 1.54 26.92 -0.72
C PRO B 39 1.88 25.43 -0.67
N ALA B 40 0.93 24.59 -0.24
CA ALA B 40 1.06 23.14 -0.18
C ALA B 40 1.08 22.50 -1.59
N SER B 41 0.31 23.05 -2.52
CA SER B 41 0.27 22.55 -3.88
C SER B 41 1.46 23.05 -4.68
N LEU B 42 1.90 24.31 -4.45
CA LEU B 42 3.07 24.92 -5.12
C LEU B 42 4.41 24.25 -4.77
N VAL B 43 4.43 23.41 -3.72
CA VAL B 43 5.64 22.67 -3.38
C VAL B 43 5.60 21.21 -3.86
N GLY B 44 4.42 20.69 -4.22
CA GLY B 44 4.30 19.32 -4.70
C GLY B 44 3.57 18.37 -3.78
N LEU B 45 2.87 18.90 -2.76
CA LEU B 45 2.15 18.03 -1.83
C LEU B 45 0.93 17.41 -2.48
N ARG B 46 0.78 16.11 -2.24
CA ARG B 46 -0.34 15.41 -2.81
C ARG B 46 -1.04 14.54 -1.79
N PHE B 47 -2.34 14.29 -2.02
CA PHE B 47 -3.18 13.40 -1.22
C PHE B 47 -2.47 12.03 -1.05
N GLY B 48 -2.34 11.57 0.17
CA GLY B 48 -1.71 10.28 0.43
C GLY B 48 -0.26 10.33 0.86
N ASP B 49 0.37 11.54 0.85
CA ASP B 49 1.76 11.71 1.28
C ASP B 49 1.81 11.64 2.80
N GLN B 50 2.72 10.83 3.37
CA GLN B 50 2.88 10.75 4.83
C GLN B 50 3.68 11.94 5.35
N VAL B 51 3.37 12.43 6.55
CA VAL B 51 4.08 13.51 7.22
C VAL B 51 4.76 12.91 8.43
N LEU B 52 6.11 12.78 8.44
CA LEU B 52 6.80 12.22 9.60
C LEU B 52 7.05 13.29 10.67
N GLN B 53 7.48 14.48 10.22
CA GLN B 53 7.84 15.57 11.12
C GLN B 53 7.25 16.95 10.75
N ILE B 54 6.74 17.68 11.75
CA ILE B 54 6.28 19.05 11.54
C ILE B 54 7.12 19.97 12.44
N ASN B 55 7.98 20.80 11.82
CA ASN B 55 8.89 21.71 12.52
C ASN B 55 9.75 20.97 13.54
N GLY B 56 10.36 19.86 13.08
CA GLY B 56 11.24 19.00 13.86
C GLY B 56 10.58 17.96 14.74
N GLU B 57 9.27 18.12 15.00
CA GLU B 57 8.50 17.25 15.87
C GLU B 57 7.83 16.04 15.16
N ASN B 58 7.94 14.84 15.77
CA ASN B 58 7.32 13.62 15.27
C ASN B 58 5.82 13.69 15.29
N CYS B 59 5.18 13.23 14.20
CA CYS B 59 3.72 13.20 14.14
C CYS B 59 3.15 11.90 14.72
N ALA B 60 3.95 10.84 14.90
CA ALA B 60 3.46 9.54 15.38
C ALA B 60 2.51 9.61 16.56
N GLY B 61 1.34 9.01 16.42
CA GLY B 61 0.34 8.99 17.47
C GLY B 61 -0.53 10.23 17.55
N TRP B 62 -0.32 11.24 16.67
CA TRP B 62 -1.11 12.45 16.72
C TRP B 62 -2.49 12.17 16.18
N SER B 63 -3.50 12.64 16.90
CA SER B 63 -4.87 12.55 16.42
C SER B 63 -5.00 13.59 15.28
N SER B 64 -6.03 13.50 14.48
CA SER B 64 -6.26 14.46 13.39
C SER B 64 -6.42 15.87 13.91
N ASP B 65 -7.08 16.06 15.07
CA ASP B 65 -7.28 17.42 15.58
C ASP B 65 -6.06 18.03 16.22
N LYS B 66 -5.10 17.18 16.67
CA LYS B 66 -3.82 17.60 17.20
C LYS B 66 -3.01 18.09 15.99
N ALA B 67 -2.97 17.30 14.90
CA ALA B 67 -2.28 17.66 13.65
C ALA B 67 -2.78 19.01 13.09
N HIS B 68 -4.05 19.32 13.31
CA HIS B 68 -4.70 20.56 12.88
C HIS B 68 -4.22 21.71 13.78
N LYS B 69 -4.30 21.52 15.10
CA LYS B 69 -3.88 22.52 16.08
C LYS B 69 -2.38 22.88 15.88
N VAL B 70 -1.50 21.87 15.74
CA VAL B 70 -0.06 22.06 15.51
C VAL B 70 0.21 22.93 14.28
N LEU B 71 -0.59 22.75 13.21
CA LEU B 71 -0.44 23.51 11.98
C LEU B 71 -0.95 24.93 12.09
N LYS B 72 -2.01 25.15 12.87
CA LYS B 72 -2.59 26.48 13.03
C LYS B 72 -1.64 27.40 13.84
N GLN B 73 -0.88 26.82 14.79
CA GLN B 73 0.06 27.55 15.65
C GLN B 73 1.46 27.80 15.06
N ALA B 74 1.77 27.23 13.88
CA ALA B 74 3.09 27.42 13.26
C ALA B 74 3.28 28.84 12.72
N PHE B 75 4.49 29.39 12.86
CA PHE B 75 4.76 30.76 12.41
C PHE B 75 4.97 30.87 10.89
N GLY B 76 4.32 31.88 10.32
CA GLY B 76 4.25 32.21 8.90
C GLY B 76 5.36 31.90 7.91
N GLU B 77 6.49 32.62 7.98
CA GLU B 77 7.57 32.52 7.00
C GLU B 77 8.34 31.17 6.92
N LYS B 78 8.00 30.18 7.77
CA LYS B 78 8.66 28.88 7.71
C LYS B 78 7.88 27.74 8.38
N ILE B 79 7.54 26.73 7.59
CA ILE B 79 6.88 25.52 8.06
C ILE B 79 7.59 24.35 7.38
N THR B 80 8.51 23.73 8.09
CA THR B 80 9.22 22.60 7.55
C THR B 80 8.50 21.31 7.87
N MET B 81 8.54 20.39 6.92
CA MET B 81 7.91 19.09 7.08
C MET B 81 8.79 18.00 6.51
N THR B 82 8.71 16.81 7.10
CA THR B 82 9.41 15.67 6.54
C THR B 82 8.32 14.84 5.89
N ILE B 83 8.44 14.64 4.59
CA ILE B 83 7.42 13.97 3.80
C ILE B 83 7.92 12.67 3.20
N ARG B 84 6.99 11.76 2.94
CA ARG B 84 7.27 10.49 2.29
C ARG B 84 6.23 10.41 1.18
N ASP B 85 6.65 10.77 -0.04
CA ASP B 85 5.80 10.79 -1.24
C ASP B 85 4.95 9.53 -1.43
N ARG B 86 3.62 9.65 -1.21
CA ARG B 86 2.61 8.60 -1.36
C ARG B 86 3.11 7.17 -1.17
N PRO B 87 3.29 6.73 0.08
CA PRO B 87 3.80 5.36 0.29
C PRO B 87 2.88 4.26 -0.21
N PHE B 88 1.58 4.55 -0.31
CA PHE B 88 0.55 3.61 -0.75
C PHE B 88 0.30 3.59 -2.28
N GLU B 89 0.88 4.56 -3.04
CA GLU B 89 0.73 4.75 -4.50
C GLU B 89 1.03 3.54 -5.42
N ARG B 90 0.04 3.17 -6.24
CA ARG B 90 0.10 2.10 -7.22
C ARG B 90 -0.42 2.66 -8.57
N THR B 91 0.16 2.25 -9.71
CA THR B 91 -0.26 2.77 -10.99
C THR B 91 -0.59 1.65 -11.98
N ILE B 92 -1.86 1.59 -12.40
CA ILE B 92 -2.39 0.58 -13.31
C ILE B 92 -2.82 1.18 -14.65
N THR B 93 -2.46 0.53 -15.76
CA THR B 93 -2.83 1.02 -17.09
C THR B 93 -3.85 0.08 -17.72
N MET B 94 -4.97 0.64 -18.18
CA MET B 94 -6.05 -0.11 -18.82
C MET B 94 -6.29 0.33 -20.27
N HIS B 95 -7.10 -0.44 -21.02
CA HIS B 95 -7.40 -0.23 -22.44
C HIS B 95 -8.91 -0.29 -22.64
N LYS B 96 -9.52 0.84 -23.02
CA LYS B 96 -10.95 0.96 -23.27
C LYS B 96 -11.41 -0.05 -24.32
N ASP B 97 -12.64 -0.53 -24.20
CA ASP B 97 -13.15 -1.51 -25.16
C ASP B 97 -14.03 -0.85 -26.26
N SER B 98 -14.82 -1.67 -26.98
CA SER B 98 -15.75 -1.31 -28.03
C SER B 98 -16.73 -0.20 -27.57
N THR B 99 -17.23 -0.31 -26.33
CA THR B 99 -18.16 0.66 -25.71
C THR B 99 -17.46 1.88 -25.05
N GLY B 100 -16.13 1.86 -25.00
CA GLY B 100 -15.34 2.90 -24.38
C GLY B 100 -15.15 2.65 -22.89
N HIS B 101 -15.33 1.39 -22.44
CA HIS B 101 -15.25 1.02 -21.04
C HIS B 101 -14.02 0.22 -20.64
N VAL B 102 -13.37 0.67 -19.58
CA VAL B 102 -12.17 0.08 -18.99
C VAL B 102 -12.49 -1.09 -17.99
N GLY B 103 -13.71 -1.12 -17.47
CA GLY B 103 -14.14 -2.23 -16.63
C GLY B 103 -14.33 -2.09 -15.13
N PHE B 104 -14.63 -0.89 -14.60
CA PHE B 104 -14.84 -0.74 -13.16
C PHE B 104 -15.91 0.25 -12.77
N ILE B 105 -16.55 0.00 -11.63
CA ILE B 105 -17.57 0.83 -11.05
C ILE B 105 -16.94 1.61 -9.91
N PHE B 106 -17.24 2.91 -9.80
CA PHE B 106 -16.69 3.72 -8.73
C PHE B 106 -17.76 4.55 -8.04
N LYS B 107 -17.48 4.97 -6.81
CA LYS B 107 -18.43 5.72 -6.01
C LYS B 107 -17.64 6.57 -5.06
N ASN B 108 -17.93 7.86 -5.01
CA ASN B 108 -17.21 8.84 -4.18
C ASN B 108 -15.69 8.77 -4.35
N GLY B 109 -15.26 8.51 -5.59
CA GLY B 109 -13.86 8.38 -5.96
C GLY B 109 -13.20 7.11 -5.47
N LYS B 110 -13.97 6.11 -5.09
CA LYS B 110 -13.44 4.84 -4.62
C LYS B 110 -13.97 3.70 -5.49
N ILE B 111 -13.05 2.86 -6.03
CA ILE B 111 -13.42 1.71 -6.84
C ILE B 111 -14.21 0.74 -5.99
N THR B 112 -15.40 0.35 -6.42
CA THR B 112 -16.26 -0.53 -5.64
C THR B 112 -16.48 -1.90 -6.33
N SER B 113 -16.34 -1.94 -7.67
CA SER B 113 -16.60 -3.16 -8.42
C SER B 113 -15.73 -3.31 -9.64
N ILE B 114 -15.45 -4.57 -9.98
CA ILE B 114 -14.65 -4.97 -11.12
C ILE B 114 -15.51 -5.81 -12.05
N VAL B 115 -15.65 -5.35 -13.28
CA VAL B 115 -16.42 -6.05 -14.28
C VAL B 115 -15.72 -7.36 -14.71
N LYS B 116 -16.45 -8.49 -14.70
CA LYS B 116 -15.87 -9.76 -15.14
C LYS B 116 -15.54 -9.68 -16.64
N ASP B 117 -14.44 -10.35 -17.06
CA ASP B 117 -13.96 -10.40 -18.45
C ASP B 117 -13.49 -9.03 -19.00
N SER B 118 -13.11 -8.08 -18.15
CA SER B 118 -12.72 -6.73 -18.59
C SER B 118 -11.21 -6.41 -18.51
N SER B 119 -10.82 -5.19 -18.97
CA SER B 119 -9.43 -4.72 -18.89
C SER B 119 -9.00 -4.62 -17.45
N ALA B 120 -9.88 -4.07 -16.58
CA ALA B 120 -9.58 -3.95 -15.16
C ALA B 120 -9.35 -5.30 -14.51
N ALA B 121 -10.08 -6.33 -14.94
CA ALA B 121 -9.92 -7.69 -14.44
C ALA B 121 -8.57 -8.28 -14.88
N ARG B 122 -8.20 -8.10 -16.18
CA ARG B 122 -6.94 -8.57 -16.72
C ARG B 122 -5.76 -7.90 -16.03
N ASN B 123 -5.89 -6.60 -15.72
CA ASN B 123 -4.85 -5.81 -15.06
C ASN B 123 -4.88 -5.83 -13.51
N GLY B 124 -5.80 -6.61 -12.93
CA GLY B 124 -5.87 -6.84 -11.50
C GLY B 124 -6.15 -5.62 -10.67
N LEU B 125 -7.00 -4.72 -11.19
CA LEU B 125 -7.40 -3.53 -10.45
C LEU B 125 -8.16 -3.95 -9.16
N LEU B 126 -7.78 -3.37 -8.02
CA LEU B 126 -8.37 -3.72 -6.75
C LEU B 126 -9.45 -2.75 -6.32
N THR B 127 -10.48 -3.24 -5.62
CA THR B 127 -11.55 -2.38 -5.10
C THR B 127 -11.11 -1.75 -3.78
N GLU B 128 -11.93 -0.86 -3.18
CA GLU B 128 -11.61 -0.21 -1.91
C GLU B 128 -10.30 0.56 -1.96
N HIS B 129 -10.06 1.17 -3.12
CA HIS B 129 -8.90 2.01 -3.41
C HIS B 129 -9.43 3.33 -3.98
N ASN B 130 -8.83 4.46 -3.61
CA ASN B 130 -9.26 5.75 -4.16
C ASN B 130 -8.59 6.01 -5.49
N ILE B 131 -9.30 6.67 -6.41
CA ILE B 131 -8.69 7.08 -7.66
C ILE B 131 -8.01 8.41 -7.32
N CYS B 132 -6.70 8.48 -7.48
CA CYS B 132 -5.94 9.68 -7.15
C CYS B 132 -5.69 10.51 -8.40
N GLU B 133 -5.22 9.85 -9.46
CA GLU B 133 -4.93 10.50 -10.72
C GLU B 133 -5.38 9.67 -11.89
N ILE B 134 -5.96 10.33 -12.88
CA ILE B 134 -6.33 9.71 -14.13
C ILE B 134 -5.47 10.43 -15.13
N ASN B 135 -4.61 9.69 -15.83
CA ASN B 135 -3.66 10.16 -16.83
C ASN B 135 -2.71 11.26 -16.34
N GLY B 136 -2.68 11.54 -15.06
CA GLY B 136 -1.83 12.57 -14.48
C GLY B 136 -2.63 13.61 -13.71
N GLN B 137 -3.88 13.86 -14.13
CA GLN B 137 -4.72 14.86 -13.48
C GLN B 137 -5.22 14.46 -12.11
N ASN B 138 -5.14 15.38 -11.15
CA ASN B 138 -5.60 15.15 -9.80
C ASN B 138 -7.11 15.06 -9.82
N VAL B 139 -7.66 13.90 -9.46
CA VAL B 139 -9.11 13.74 -9.41
C VAL B 139 -9.65 13.69 -7.97
N ILE B 140 -8.81 14.01 -6.97
CA ILE B 140 -9.21 14.02 -5.56
C ILE B 140 -10.15 15.22 -5.34
N GLY B 141 -11.19 15.02 -4.53
CA GLY B 141 -12.18 16.06 -4.26
C GLY B 141 -13.23 16.25 -5.34
N LEU B 142 -13.04 15.62 -6.51
CA LEU B 142 -13.97 15.75 -7.63
C LEU B 142 -15.20 14.91 -7.44
N LYS B 143 -16.30 15.40 -7.97
CA LYS B 143 -17.55 14.68 -7.95
C LYS B 143 -17.48 13.52 -8.98
N ASP B 144 -18.18 12.42 -8.72
CA ASP B 144 -18.14 11.24 -9.58
C ASP B 144 -18.45 11.49 -11.06
N SER B 145 -19.33 12.45 -11.34
CA SER B 145 -19.70 12.84 -12.69
C SER B 145 -18.50 13.43 -13.41
N GLN B 146 -17.75 14.31 -12.72
CA GLN B 146 -16.55 14.97 -13.23
C GLN B 146 -15.44 13.95 -13.48
N ILE B 147 -15.33 12.93 -12.62
CA ILE B 147 -14.34 11.87 -12.79
C ILE B 147 -14.68 11.04 -14.04
N ALA B 148 -15.98 10.64 -14.19
CA ALA B 148 -16.47 9.90 -15.35
C ALA B 148 -16.19 10.68 -16.64
N ASP B 149 -16.36 12.01 -16.59
CA ASP B 149 -16.07 12.93 -17.68
C ASP B 149 -14.62 12.86 -18.10
N ILE B 150 -13.67 13.00 -17.15
CA ILE B 150 -12.26 12.91 -17.41
C ILE B 150 -11.91 11.56 -18.06
N LEU B 151 -12.49 10.47 -17.52
CA LEU B 151 -12.31 9.11 -18.05
C LEU B 151 -12.75 9.04 -19.50
N SER B 152 -13.92 9.61 -19.83
CA SER B 152 -14.42 9.60 -21.19
C SER B 152 -13.54 10.44 -22.15
N THR B 153 -13.17 11.68 -21.74
CA THR B 153 -12.36 12.56 -22.59
C THR B 153 -10.87 12.16 -22.71
N SER B 154 -10.54 10.96 -22.21
CA SER B 154 -9.22 10.37 -22.29
C SER B 154 -9.17 9.38 -23.48
N GLY B 155 -7.96 8.99 -23.85
CA GLY B 155 -7.78 8.01 -24.92
C GLY B 155 -7.80 6.60 -24.39
N THR B 156 -7.65 5.61 -25.31
CA THR B 156 -7.64 4.16 -25.02
C THR B 156 -6.81 3.80 -23.79
N VAL B 157 -5.53 4.20 -23.73
CA VAL B 157 -4.69 3.91 -22.56
C VAL B 157 -5.08 4.81 -21.39
N VAL B 158 -5.59 4.21 -20.29
CA VAL B 158 -5.97 4.99 -19.12
C VAL B 158 -5.05 4.72 -17.95
N THR B 159 -4.13 5.64 -17.66
CA THR B 159 -3.20 5.46 -16.56
C THR B 159 -3.86 5.91 -15.28
N ILE B 160 -4.32 4.98 -14.47
CA ILE B 160 -4.94 5.31 -13.20
C ILE B 160 -3.96 5.05 -12.06
N THR B 161 -3.97 5.94 -11.08
CA THR B 161 -3.14 5.88 -9.89
C THR B 161 -4.05 5.65 -8.68
N ILE B 162 -3.97 4.46 -8.06
CA ILE B 162 -4.83 4.08 -6.94
C ILE B 162 -4.09 3.97 -5.61
N MET B 163 -4.83 4.12 -4.53
CA MET B 163 -4.29 4.06 -3.18
C MET B 163 -5.32 3.42 -2.27
N PRO B 164 -4.95 2.49 -1.38
CA PRO B 164 -5.95 1.91 -0.47
C PRO B 164 -6.75 2.95 0.33
N ALA B 165 -8.04 2.68 0.57
CA ALA B 165 -8.89 3.60 1.31
C ALA B 165 -9.23 3.03 2.71
#